data_9SH8
#
_entry.id   9SH8
#
_cell.length_a   125.183
_cell.length_b   125.183
_cell.length_c   126.591
_cell.angle_alpha   90.000
_cell.angle_beta   90.000
_cell.angle_gamma   120.000
#
_symmetry.space_group_name_H-M   'P 64 2 2'
#
loop_
_entity.id
_entity.type
_entity.pdbx_description
1 polymer 'Asparagine--tRNA ligase'
2 non-polymer 'MAGNESIUM ION'
3 non-polymer "5'-O-[N-(L-ASPARAGINYL)SULFAMOYL]ADENOSINE"
4 water water
#
_entity_poly.entity_id   1
_entity_poly.type   'polypeptide(L)'
_entity_poly.pdbx_seq_one_letter_code
;MRVFIDEIARHVDQEVELRGWLYQRRSKGKIHFLILRDGTGFLQATVVQGEVPEAVFREADHLPQETALRVWGRVREDRR
APGGFELAVRDLQVVSRPQGEYPIGPKEHGIDFLMDHRHLWLRHRRPFAVMRIRDELERAIHEFFGERGFLRFDAPILTP
SAVEGTTELFEVELFDGEKAYLSQSGQLYAEAGALAFAKVYTFGPTFRAERSKTRRHLLEFWMVEPEVAFMTHEENMALQ
EELVSFLVARVLERRSRELEMLGRDPKALEPAAEGHYPRLTYKEAVALVNRIAQEDPEVPPLPYGEDFGAPHEAALSRRF
DRPVFVERYPARIKAFYMEPDPEDPELVLNDDLLAPEGYGEIIGGSQRIHDLELLRRKIQEFGLPEEVYDWYLDLRRFGS
VPHSGFGLGLERTVAWICGLAHVREAIPFPRMYTRMRP
;
_entity_poly.pdbx_strand_id   A
#
# COMPACT_ATOMS: atom_id res chain seq x y z
N MET A 1 -0.36 -28.06 24.14
CA MET A 1 -0.24 -26.58 24.16
C MET A 1 -0.98 -26.00 22.96
N ARG A 2 -1.46 -24.75 23.12
CA ARG A 2 -2.10 -24.02 22.06
C ARG A 2 -1.04 -23.48 21.11
N VAL A 3 -1.21 -23.78 19.81
CA VAL A 3 -0.26 -23.38 18.79
C VAL A 3 -1.01 -22.57 17.71
N PHE A 4 -0.25 -22.03 16.76
CA PHE A 4 -0.81 -21.32 15.62
C PHE A 4 -0.44 -22.06 14.34
N ILE A 5 -1.38 -22.09 13.39
CA ILE A 5 -1.21 -22.77 12.10
C ILE A 5 0.04 -22.25 11.41
N ASP A 6 0.39 -20.97 11.68
CA ASP A 6 1.53 -20.29 11.07
C ASP A 6 2.82 -21.08 11.31
N GLU A 7 2.84 -21.88 12.38
CA GLU A 7 4.04 -22.57 12.82
C GLU A 7 3.71 -24.02 13.17
N ILE A 8 2.84 -24.64 12.37
CA ILE A 8 2.38 -26.00 12.59
C ILE A 8 3.49 -26.98 12.20
N ALA A 9 4.46 -26.51 11.40
CA ALA A 9 5.51 -27.35 10.85
C ALA A 9 6.46 -27.83 11.96
N ARG A 10 6.62 -27.01 13.00
CA ARG A 10 7.55 -27.34 14.07
C ARG A 10 6.79 -27.95 15.25
N HIS A 11 5.67 -28.62 14.94
CA HIS A 11 4.90 -29.34 15.94
C HIS A 11 4.45 -30.69 15.37
N VAL A 12 5.24 -31.22 14.43
CA VAL A 12 4.97 -32.49 13.77
C VAL A 12 5.01 -33.62 14.80
N ASP A 13 3.98 -34.47 14.77
CA ASP A 13 3.84 -35.63 15.63
C ASP A 13 3.79 -35.20 17.10
N GLN A 14 2.89 -34.26 17.40
CA GLN A 14 2.73 -33.76 18.76
C GLN A 14 1.26 -33.45 19.03
N GLU A 15 0.86 -33.58 20.30
CA GLU A 15 -0.47 -33.20 20.76
C GLU A 15 -0.53 -31.67 20.81
N VAL A 16 -1.55 -31.09 20.17
CA VAL A 16 -1.67 -29.65 20.05
C VAL A 16 -3.15 -29.26 20.17
N GLU A 17 -3.38 -27.98 20.53
CA GLU A 17 -4.70 -27.38 20.53
C GLU A 17 -4.72 -26.22 19.52
N LEU A 18 -5.82 -26.13 18.76
CA LEU A 18 -6.08 -25.04 17.84
C LEU A 18 -7.33 -24.29 18.30
N ARG A 19 -7.30 -22.96 18.15
CA ARG A 19 -8.48 -22.14 18.34
C ARG A 19 -8.73 -21.38 17.05
N GLY A 20 -9.92 -21.56 16.47
CA GLY A 20 -10.17 -20.99 15.15
C GLY A 20 -11.61 -21.13 14.68
N TRP A 21 -11.78 -21.19 13.36
CA TRP A 21 -13.07 -21.13 12.70
C TRP A 21 -13.13 -22.17 11.58
N LEU A 22 -14.34 -22.60 11.23
CA LEU A 22 -14.53 -23.60 10.19
C LEU A 22 -14.70 -22.91 8.84
N TYR A 23 -13.70 -23.09 7.96
CA TYR A 23 -13.68 -22.42 6.67
C TYR A 23 -14.51 -23.21 5.67
N GLN A 24 -14.30 -24.54 5.58
CA GLN A 24 -15.09 -25.40 4.72
C GLN A 24 -15.18 -26.82 5.30
N ARG A 25 -16.22 -27.55 4.88
CA ARG A 25 -16.56 -28.85 5.43
C ARG A 25 -17.23 -29.72 4.37
N ARG A 26 -16.79 -30.98 4.26
CA ARG A 26 -17.52 -31.98 3.50
C ARG A 26 -17.62 -33.27 4.32
N SER A 27 -18.85 -33.80 4.41
CA SER A 27 -19.16 -34.96 5.23
C SER A 27 -19.69 -36.10 4.35
N LYS A 28 -18.88 -37.15 4.17
CA LYS A 28 -19.29 -38.33 3.42
C LYS A 28 -18.61 -39.57 3.99
N GLY A 29 -19.38 -40.66 4.12
CA GLY A 29 -18.86 -41.94 4.56
C GLY A 29 -18.69 -41.97 6.08
N LYS A 30 -17.47 -42.31 6.52
CA LYS A 30 -17.13 -42.41 7.94
C LYS A 30 -15.95 -41.49 8.23
N ILE A 31 -15.97 -40.29 7.62
CA ILE A 31 -14.89 -39.33 7.73
C ILE A 31 -15.40 -37.93 7.36
N HIS A 32 -15.03 -36.93 8.18
CA HIS A 32 -15.34 -35.54 7.90
C HIS A 32 -14.07 -34.83 7.42
N PHE A 33 -14.20 -34.04 6.35
CA PHE A 33 -13.11 -33.24 5.83
C PHE A 33 -13.34 -31.77 6.19
N LEU A 34 -12.38 -31.18 6.90
CA LEU A 34 -12.48 -29.82 7.39
C LEU A 34 -11.29 -29.01 6.88
N ILE A 35 -11.53 -27.70 6.65
CA ILE A 35 -10.48 -26.71 6.56
C ILE A 35 -10.69 -25.72 7.72
N LEU A 36 -9.66 -25.56 8.56
CA LEU A 36 -9.73 -24.67 9.70
C LEU A 36 -8.89 -23.42 9.41
N ARG A 37 -9.44 -22.25 9.75
CA ARG A 37 -8.67 -21.01 9.79
C ARG A 37 -8.52 -20.60 11.26
N ASP A 38 -7.35 -20.03 11.60
CA ASP A 38 -7.09 -19.57 12.96
C ASP A 38 -6.66 -18.11 12.95
N GLY A 39 -6.40 -17.57 11.75
CA GLY A 39 -6.02 -16.17 11.61
C GLY A 39 -4.59 -16.04 11.11
N THR A 40 -3.82 -17.13 11.18
CA THR A 40 -2.42 -17.12 10.76
C THR A 40 -2.21 -18.16 9.67
N GLY A 41 -3.31 -18.78 9.19
CA GLY A 41 -3.20 -19.76 8.12
C GLY A 41 -4.44 -20.66 8.01
N PHE A 42 -4.34 -21.64 7.10
CA PHE A 42 -5.44 -22.54 6.79
C PHE A 42 -4.90 -23.97 6.82
N LEU A 43 -5.61 -24.85 7.53
CA LEU A 43 -5.12 -26.21 7.77
C LEU A 43 -6.25 -27.23 7.59
N GLN A 44 -5.88 -28.39 7.04
CA GLN A 44 -6.79 -29.51 6.84
C GLN A 44 -6.93 -30.30 8.13
N ALA A 45 -8.18 -30.57 8.52
CA ALA A 45 -8.49 -31.38 9.69
C ALA A 45 -9.44 -32.52 9.31
N THR A 46 -9.12 -33.73 9.77
CA THR A 46 -9.88 -34.94 9.45
C THR A 46 -10.42 -35.56 10.73
N VAL A 47 -11.73 -35.86 10.73
CA VAL A 47 -12.40 -36.47 11.87
C VAL A 47 -12.91 -37.85 11.45
N VAL A 48 -12.20 -38.90 11.89
CA VAL A 48 -12.52 -40.28 11.53
C VAL A 48 -13.31 -40.91 12.68
N GLN A 49 -14.37 -41.65 12.34
CA GLN A 49 -15.25 -42.29 13.31
C GLN A 49 -14.50 -43.39 14.03
N GLY A 50 -14.70 -43.47 15.36
CA GLY A 50 -13.99 -44.40 16.22
C GLY A 50 -12.87 -43.70 16.98
N GLU A 51 -12.16 -42.80 16.29
CA GLU A 51 -11.05 -42.04 16.86
C GLU A 51 -11.59 -40.86 17.66
N VAL A 52 -12.90 -40.65 17.60
CA VAL A 52 -13.55 -39.54 18.27
C VAL A 52 -14.82 -40.06 18.97
N PRO A 53 -15.30 -39.39 20.05
CA PRO A 53 -16.60 -39.71 20.62
C PRO A 53 -17.75 -39.54 19.64
N GLU A 54 -18.80 -40.34 19.82
CA GLU A 54 -19.96 -40.33 18.93
C GLU A 54 -20.75 -39.03 19.12
N ALA A 55 -20.56 -38.39 20.28
CA ALA A 55 -21.16 -37.10 20.57
C ALA A 55 -20.51 -36.02 19.72
N VAL A 56 -19.22 -36.20 19.44
CA VAL A 56 -18.43 -35.28 18.63
C VAL A 56 -18.77 -35.50 17.15
N PHE A 57 -18.79 -36.77 16.73
CA PHE A 57 -18.91 -37.14 15.33
C PHE A 57 -20.26 -36.71 14.77
N ARG A 58 -21.31 -36.82 15.58
CA ARG A 58 -22.66 -36.42 15.18
C ARG A 58 -22.74 -34.90 15.06
N GLU A 59 -21.92 -34.21 15.88
CA GLU A 59 -21.91 -32.75 15.92
C GLU A 59 -21.23 -32.21 14.68
N ALA A 60 -20.22 -32.93 14.17
CA ALA A 60 -19.43 -32.52 13.03
C ALA A 60 -20.21 -32.66 11.73
N ASP A 61 -21.51 -32.98 11.84
CA ASP A 61 -22.40 -33.07 10.70
C ASP A 61 -23.20 -31.77 10.56
N HIS A 62 -23.37 -31.06 11.68
CA HIS A 62 -24.22 -29.87 11.73
C HIS A 62 -23.38 -28.63 12.07
N LEU A 63 -22.18 -28.55 11.48
CA LEU A 63 -21.29 -27.41 11.67
C LEU A 63 -21.35 -26.50 10.45
N PRO A 64 -22.08 -25.36 10.51
CA PRO A 64 -22.11 -24.40 9.41
C PRO A 64 -20.79 -23.66 9.22
N GLN A 65 -20.77 -22.74 8.24
CA GLN A 65 -19.58 -21.98 7.91
C GLN A 65 -19.35 -20.92 8.98
N GLU A 66 -18.08 -20.76 9.38
CA GLU A 66 -17.66 -19.74 10.34
C GLU A 66 -18.17 -20.10 11.74
N THR A 67 -18.19 -21.39 12.05
CA THR A 67 -18.43 -21.87 13.40
C THR A 67 -17.13 -21.73 14.17
N ALA A 68 -17.23 -21.32 15.45
CA ALA A 68 -16.08 -21.15 16.32
C ALA A 68 -15.76 -22.47 17.02
N LEU A 69 -14.49 -22.89 16.91
CA LEU A 69 -14.07 -24.21 17.36
C LEU A 69 -12.83 -24.10 18.24
N ARG A 70 -12.73 -25.05 19.19
CA ARG A 70 -11.46 -25.49 19.73
C ARG A 70 -11.26 -26.96 19.32
N VAL A 71 -10.02 -27.31 18.93
CA VAL A 71 -9.74 -28.60 18.32
C VAL A 71 -8.44 -29.16 18.87
N TRP A 72 -8.47 -30.42 19.30
CA TRP A 72 -7.33 -31.15 19.83
C TRP A 72 -6.97 -32.31 18.90
N GLY A 73 -5.67 -32.50 18.64
CA GLY A 73 -5.24 -33.60 17.79
C GLY A 73 -3.72 -33.67 17.62
N ARG A 74 -3.28 -34.60 16.77
CA ARG A 74 -1.87 -34.75 16.44
C ARG A 74 -1.63 -34.30 15.00
N VAL A 75 -0.46 -33.69 14.78
CA VAL A 75 -0.06 -33.15 13.48
C VAL A 75 0.64 -34.26 12.69
N ARG A 76 0.18 -34.47 11.46
CA ARG A 76 0.74 -35.47 10.57
C ARG A 76 1.15 -34.81 9.24
N GLU A 77 2.30 -35.22 8.73
CA GLU A 77 2.85 -34.72 7.47
C GLU A 77 2.15 -35.43 6.31
N ASP A 78 1.76 -34.66 5.30
CA ASP A 78 1.02 -35.15 4.15
C ASP A 78 1.18 -34.17 2.99
N ARG A 79 1.72 -34.67 1.86
CA ARG A 79 2.06 -33.83 0.71
C ARG A 79 0.78 -33.28 0.07
N ARG A 80 -0.29 -34.08 0.06
CA ARG A 80 -1.56 -33.69 -0.52
C ARG A 80 -2.41 -33.00 0.54
N ALA A 81 -1.94 -31.83 1.00
CA ALA A 81 -2.65 -31.01 1.97
C ALA A 81 -2.19 -29.55 1.82
N PRO A 82 -3.07 -28.56 2.04
CA PRO A 82 -2.68 -27.15 1.92
C PRO A 82 -1.68 -26.73 3.00
N GLY A 83 -0.39 -26.89 2.69
CA GLY A 83 0.68 -26.53 3.60
C GLY A 83 1.65 -27.68 3.81
N GLY A 84 1.17 -28.92 3.60
CA GLY A 84 1.99 -30.12 3.68
C GLY A 84 1.82 -30.84 5.01
N PHE A 85 0.77 -30.48 5.75
CA PHE A 85 0.48 -31.06 7.06
C PHE A 85 -1.02 -31.09 7.28
N GLU A 86 -1.46 -31.88 8.27
CA GLU A 86 -2.87 -31.95 8.65
C GLU A 86 -2.98 -32.21 10.15
N LEU A 87 -4.19 -32.05 10.68
CA LEU A 87 -4.49 -32.38 12.06
C LEU A 87 -5.41 -33.60 12.08
N ALA A 88 -4.96 -34.66 12.77
CA ALA A 88 -5.79 -35.82 13.05
C ALA A 88 -6.59 -35.54 14.32
N VAL A 89 -7.89 -35.26 14.14
CA VAL A 89 -8.74 -34.77 15.21
C VAL A 89 -9.00 -35.90 16.21
N ARG A 90 -9.05 -35.54 17.50
CA ARG A 90 -9.33 -36.47 18.57
C ARG A 90 -10.47 -35.94 19.44
N ASP A 91 -10.57 -34.61 19.58
CA ASP A 91 -11.65 -33.98 20.34
C ASP A 91 -11.93 -32.58 19.79
N LEU A 92 -13.15 -32.08 20.07
CA LEU A 92 -13.68 -30.88 19.47
C LEU A 92 -14.66 -30.20 20.43
N GLN A 93 -14.55 -28.87 20.53
CA GLN A 93 -15.49 -28.07 21.31
C GLN A 93 -15.91 -26.85 20.50
N VAL A 94 -17.23 -26.63 20.44
CA VAL A 94 -17.85 -25.53 19.72
C VAL A 94 -18.06 -24.36 20.67
N VAL A 95 -17.58 -23.17 20.26
CA VAL A 95 -17.62 -21.98 21.09
C VAL A 95 -18.87 -21.16 20.76
N SER A 96 -19.28 -21.18 19.48
CA SER A 96 -20.50 -20.50 19.06
C SER A 96 -20.93 -21.01 17.69
N ARG A 97 -22.24 -20.93 17.42
CA ARG A 97 -22.76 -21.20 16.10
C ARG A 97 -23.24 -19.90 15.46
N PRO A 98 -23.12 -19.76 14.13
CA PRO A 98 -23.63 -18.59 13.42
C PRO A 98 -25.11 -18.31 13.69
N GLN A 99 -25.43 -17.05 14.00
CA GLN A 99 -26.77 -16.58 14.23
C GLN A 99 -27.35 -16.09 12.91
N GLY A 100 -27.74 -17.04 12.06
CA GLY A 100 -28.15 -16.77 10.70
C GLY A 100 -27.30 -17.56 9.72
N GLU A 101 -27.42 -17.21 8.43
CA GLU A 101 -26.60 -17.81 7.38
C GLU A 101 -25.40 -16.90 7.16
N TYR A 102 -24.21 -17.50 7.00
CA TYR A 102 -22.99 -16.75 6.72
C TYR A 102 -23.10 -16.14 5.32
N PRO A 103 -23.06 -14.78 5.21
CA PRO A 103 -23.36 -14.09 3.96
C PRO A 103 -22.48 -14.44 2.77
N ILE A 104 -21.19 -14.73 3.03
CA ILE A 104 -20.26 -15.02 1.95
C ILE A 104 -20.12 -16.54 1.82
N GLY A 105 -21.17 -17.16 1.25
CA GLY A 105 -21.22 -18.59 1.06
C GLY A 105 -20.41 -19.06 -0.15
N PRO A 106 -20.49 -20.36 -0.50
CA PRO A 106 -19.70 -20.94 -1.60
C PRO A 106 -20.22 -20.59 -2.98
N LYS A 107 -20.57 -19.31 -3.16
CA LYS A 107 -21.00 -18.76 -4.43
C LYS A 107 -20.07 -17.63 -4.84
N GLU A 108 -20.12 -17.24 -6.12
CA GLU A 108 -19.42 -16.09 -6.63
C GLU A 108 -20.20 -14.84 -6.25
N HIS A 109 -19.49 -13.82 -5.75
CA HIS A 109 -20.11 -12.56 -5.36
C HIS A 109 -19.43 -11.43 -6.13
N GLY A 110 -20.19 -10.36 -6.39
CA GLY A 110 -19.63 -9.16 -6.99
C GLY A 110 -18.84 -8.35 -5.97
N ILE A 111 -17.95 -7.50 -6.46
CA ILE A 111 -17.03 -6.74 -5.61
C ILE A 111 -17.83 -5.81 -4.69
N ASP A 112 -18.98 -5.34 -5.17
CA ASP A 112 -19.81 -4.40 -4.42
C ASP A 112 -20.32 -5.05 -3.14
N PHE A 113 -20.80 -6.29 -3.26
CA PHE A 113 -21.31 -7.08 -2.15
C PHE A 113 -20.17 -7.36 -1.16
N LEU A 114 -19.02 -7.77 -1.72
CA LEU A 114 -17.85 -8.13 -0.94
C LEU A 114 -17.37 -6.93 -0.13
N MET A 115 -17.38 -5.73 -0.73
CA MET A 115 -16.92 -4.53 -0.03
C MET A 115 -17.95 -4.06 0.99
N ASP A 116 -19.24 -4.34 0.73
CA ASP A 116 -20.29 -4.05 1.70
C ASP A 116 -20.11 -4.92 2.94
N HIS A 117 -19.50 -6.10 2.76
CA HIS A 117 -19.28 -7.05 3.84
C HIS A 117 -17.77 -7.19 4.10
N ARG A 118 -17.04 -6.06 4.02
CA ARG A 118 -15.59 -6.03 4.10
C ARG A 118 -15.11 -6.57 5.44
N HIS A 119 -15.86 -6.28 6.50
CA HIS A 119 -15.51 -6.68 7.86
C HIS A 119 -15.53 -8.21 8.02
N LEU A 120 -16.18 -8.90 7.08
CA LEU A 120 -16.24 -10.36 7.09
C LEU A 120 -15.30 -10.92 6.03
N TRP A 121 -15.18 -10.19 4.90
CA TRP A 121 -14.41 -10.64 3.76
C TRP A 121 -12.93 -10.74 4.13
N LEU A 122 -12.47 -9.88 5.04
CA LEU A 122 -11.07 -9.83 5.46
C LEU A 122 -10.61 -11.20 5.97
N ARG A 123 -11.56 -12.09 6.27
CA ARG A 123 -11.26 -13.41 6.80
C ARG A 123 -10.73 -14.32 5.70
N HIS A 124 -11.13 -14.05 4.44
CA HIS A 124 -10.89 -14.94 3.32
C HIS A 124 -9.44 -14.82 2.83
N ARG A 125 -9.02 -15.77 1.99
CA ARG A 125 -7.62 -16.04 1.68
C ARG A 125 -6.96 -14.88 0.94
N ARG A 126 -7.66 -14.25 0.00
CA ARG A 126 -7.03 -13.23 -0.84
C ARG A 126 -6.74 -11.98 -0.03
N PRO A 127 -7.71 -11.39 0.70
CA PRO A 127 -7.41 -10.33 1.66
C PRO A 127 -6.38 -10.71 2.72
N PHE A 128 -6.42 -11.96 3.18
CA PHE A 128 -5.46 -12.50 4.13
C PHE A 128 -4.04 -12.28 3.61
N ALA A 129 -3.80 -12.66 2.35
CA ALA A 129 -2.50 -12.52 1.72
C ALA A 129 -2.10 -11.04 1.59
N VAL A 130 -3.08 -10.20 1.25
CA VAL A 130 -2.84 -8.78 1.01
C VAL A 130 -2.41 -8.11 2.31
N MET A 131 -3.19 -8.33 3.37
CA MET A 131 -2.98 -7.68 4.66
C MET A 131 -1.64 -8.06 5.26
N ARG A 132 -1.19 -9.29 5.00
CA ARG A 132 0.07 -9.81 5.51
C ARG A 132 1.24 -9.20 4.74
N ILE A 133 1.01 -8.87 3.46
CA ILE A 133 2.05 -8.25 2.65
C ILE A 133 2.12 -6.76 3.02
N ARG A 134 0.97 -6.17 3.32
CA ARG A 134 0.90 -4.80 3.82
C ARG A 134 1.67 -4.69 5.13
N ASP A 135 1.47 -5.67 6.03
CA ASP A 135 2.16 -5.72 7.32
C ASP A 135 3.68 -5.78 7.10
N GLU A 136 4.10 -6.62 6.14
CA GLU A 136 5.50 -6.89 5.85
C GLU A 136 6.19 -5.60 5.39
N LEU A 137 5.46 -4.79 4.60
CA LEU A 137 6.00 -3.56 4.05
C LEU A 137 6.12 -2.51 5.15
N GLU A 138 5.14 -2.51 6.06
CA GLU A 138 5.07 -1.53 7.14
C GLU A 138 6.21 -1.75 8.13
N ARG A 139 6.51 -3.02 8.43
CA ARG A 139 7.64 -3.36 9.28
C ARG A 139 8.95 -3.03 8.56
N ALA A 140 9.03 -3.39 7.28
CA ALA A 140 10.24 -3.27 6.46
C ALA A 140 10.60 -1.80 6.23
N ILE A 141 9.61 -0.92 6.16
CA ILE A 141 9.87 0.51 6.04
C ILE A 141 10.63 1.01 7.26
N HIS A 142 10.25 0.53 8.45
CA HIS A 142 10.82 0.99 9.69
C HIS A 142 12.27 0.52 9.84
N GLU A 143 12.56 -0.69 9.37
CA GLU A 143 13.91 -1.25 9.45
C GLU A 143 14.84 -0.50 8.51
N PHE A 144 14.36 -0.29 7.27
CA PHE A 144 15.15 0.37 6.25
C PHE A 144 15.70 1.69 6.79
N PHE A 145 14.80 2.55 7.29
CA PHE A 145 15.17 3.90 7.68
C PHE A 145 15.90 3.93 9.02
N GLY A 146 15.61 2.94 9.87
CA GLY A 146 16.25 2.83 11.17
C GLY A 146 17.74 2.50 11.03
N GLU A 147 18.04 1.61 10.08
CA GLU A 147 19.40 1.16 9.81
C GLU A 147 20.21 2.27 9.14
N ARG A 148 19.52 3.23 8.52
CA ARG A 148 20.18 4.33 7.81
C ARG A 148 20.31 5.53 8.73
N GLY A 149 19.88 5.35 9.99
CA GLY A 149 19.92 6.40 11.00
C GLY A 149 18.96 7.55 10.70
N PHE A 150 17.83 7.24 10.03
CA PHE A 150 16.76 8.20 9.83
C PHE A 150 15.87 8.21 11.07
N LEU A 151 15.20 9.34 11.29
CA LEU A 151 14.32 9.52 12.44
C LEU A 151 12.87 9.60 11.94
N ARG A 152 11.99 8.77 12.50
CA ARG A 152 10.56 8.91 12.27
C ARG A 152 10.08 10.19 12.94
N PHE A 153 9.24 10.95 12.22
CA PHE A 153 8.84 12.28 12.61
C PHE A 153 7.40 12.51 12.16
N ASP A 154 6.44 12.35 13.10
CA ASP A 154 5.02 12.39 12.75
C ASP A 154 4.58 13.83 12.48
N ALA A 155 4.19 14.07 11.22
CA ALA A 155 3.62 15.35 10.81
C ALA A 155 2.19 15.45 11.30
N PRO A 156 1.70 16.67 11.64
CA PRO A 156 0.32 16.85 12.09
C PRO A 156 -0.71 16.48 11.02
N ILE A 157 -1.91 16.07 11.48
CA ILE A 157 -3.00 15.76 10.57
C ILE A 157 -3.85 17.00 10.33
N LEU A 158 -4.08 17.79 11.39
CA LEU A 158 -4.84 19.03 11.30
C LEU A 158 -3.87 20.15 10.92
N THR A 159 -4.22 20.89 9.85
CA THR A 159 -3.28 21.83 9.26
C THR A 159 -4.02 23.05 8.70
N PRO A 160 -3.41 24.26 8.77
CA PRO A 160 -3.90 25.41 8.00
C PRO A 160 -3.38 25.49 6.57
N SER A 161 -2.21 24.90 6.32
CA SER A 161 -1.47 25.07 5.08
C SER A 161 -1.81 23.97 4.07
N ALA A 162 -2.13 24.40 2.83
CA ALA A 162 -2.31 23.48 1.71
C ALA A 162 -0.97 23.18 1.08
N VAL A 163 -0.87 22.04 0.38
CA VAL A 163 0.42 21.56 -0.11
C VAL A 163 0.37 21.35 -1.63
N GLU A 164 -0.72 20.76 -2.12
CA GLU A 164 -0.79 20.30 -3.51
C GLU A 164 -1.97 20.93 -4.24
N GLY A 165 -2.30 22.18 -3.90
CA GLY A 165 -3.32 22.93 -4.61
C GLY A 165 -4.59 23.11 -3.78
N THR A 166 -5.28 24.24 -4.02
CA THR A 166 -6.43 24.66 -3.22
C THR A 166 -7.66 23.86 -3.64
N THR A 167 -7.56 23.21 -4.82
CA THR A 167 -8.70 22.58 -5.48
C THR A 167 -9.40 21.60 -4.54
N GLU A 168 -8.62 20.68 -3.95
CA GLU A 168 -9.18 19.53 -3.26
C GLU A 168 -8.71 19.50 -1.81
N LEU A 169 -9.54 20.07 -0.91
CA LEU A 169 -9.24 20.19 0.51
C LEU A 169 -10.50 19.96 1.33
N PHE A 170 -10.41 19.03 2.29
CA PHE A 170 -11.48 18.81 3.25
C PHE A 170 -11.37 19.84 4.37
N GLU A 171 -12.51 20.12 5.03
CA GLU A 171 -12.55 21.08 6.12
C GLU A 171 -13.10 20.43 7.38
N VAL A 172 -12.50 20.78 8.52
CA VAL A 172 -12.88 20.27 9.84
C VAL A 172 -13.30 21.45 10.69
N GLU A 173 -14.51 21.37 11.27
CA GLU A 173 -14.99 22.38 12.20
C GLU A 173 -14.45 22.08 13.59
N LEU A 174 -13.94 23.13 14.25
CA LEU A 174 -13.34 23.02 15.57
C LEU A 174 -14.23 23.73 16.60
N PHE A 175 -13.60 24.51 17.50
CA PHE A 175 -14.29 25.20 18.58
C PHE A 175 -14.51 26.65 18.20
N ASP A 176 -15.72 27.14 18.52
CA ASP A 176 -16.07 28.56 18.47
C ASP A 176 -16.03 29.06 17.03
N GLY A 177 -16.37 28.17 16.09
CA GLY A 177 -16.53 28.54 14.69
C GLY A 177 -15.27 28.33 13.86
N GLU A 178 -14.14 28.08 14.54
CA GLU A 178 -12.84 27.93 13.89
C GLU A 178 -12.84 26.70 12.98
N LYS A 179 -11.96 26.72 11.97
CA LYS A 179 -11.86 25.63 11.01
C LYS A 179 -10.39 25.34 10.68
N ALA A 180 -10.13 24.11 10.23
CA ALA A 180 -8.83 23.67 9.77
C ALA A 180 -9.01 22.66 8.63
N TYR A 181 -7.90 22.32 7.96
CA TYR A 181 -7.91 21.39 6.84
C TYR A 181 -7.40 20.03 7.29
N LEU A 182 -7.78 18.98 6.54
CA LEU A 182 -7.20 17.65 6.65
C LEU A 182 -5.96 17.58 5.76
N SER A 183 -4.84 17.15 6.36
CA SER A 183 -3.54 17.08 5.68
C SER A 183 -3.65 16.25 4.41
N GLN A 184 -3.15 16.82 3.30
CA GLN A 184 -3.03 16.12 2.03
C GLN A 184 -1.60 15.62 1.86
N SER A 185 -0.69 16.18 2.66
CA SER A 185 0.73 15.85 2.67
C SER A 185 1.40 16.55 3.85
N GLY A 186 2.29 15.82 4.55
CA GLY A 186 2.97 16.34 5.72
C GLY A 186 4.35 16.90 5.41
N GLN A 187 4.61 17.12 4.11
CA GLN A 187 5.92 17.50 3.60
C GLN A 187 6.44 18.78 4.26
N LEU A 188 5.58 19.80 4.34
CA LEU A 188 5.97 21.11 4.85
C LEU A 188 6.61 20.97 6.22
N TYR A 189 6.07 20.05 7.04
CA TYR A 189 6.55 19.83 8.40
C TYR A 189 7.80 18.97 8.37
N ALA A 190 7.87 18.05 7.40
CA ALA A 190 9.02 17.18 7.22
C ALA A 190 10.29 17.99 6.94
N GLU A 191 10.12 19.17 6.32
CA GLU A 191 11.23 20.04 5.99
C GLU A 191 11.82 20.65 7.27
N ALA A 192 10.94 21.13 8.15
CA ALA A 192 11.35 21.60 9.47
C ALA A 192 12.10 20.49 10.19
N GLY A 193 11.57 19.27 10.12
CA GLY A 193 12.19 18.11 10.73
C GLY A 193 13.58 17.84 10.16
N ALA A 194 13.71 18.02 8.83
CA ALA A 194 14.96 17.78 8.12
C ALA A 194 16.06 18.73 8.58
N LEU A 195 15.71 20.02 8.76
CA LEU A 195 16.70 21.00 9.18
C LEU A 195 17.07 20.78 10.65
N ALA A 196 16.25 19.99 11.36
CA ALA A 196 16.48 19.72 12.78
C ALA A 196 17.19 18.38 13.00
N PHE A 197 16.85 17.36 12.19
CA PHE A 197 17.33 16.02 12.47
C PHE A 197 18.08 15.40 11.28
N ALA A 198 18.22 16.19 10.19
CA ALA A 198 19.00 15.84 9.00
C ALA A 198 18.28 14.82 8.12
N LYS A 199 17.90 13.68 8.71
CA LYS A 199 17.27 12.59 7.97
C LYS A 199 16.00 12.18 8.70
N VAL A 200 14.84 12.48 8.09
CA VAL A 200 13.55 12.25 8.70
C VAL A 200 12.61 11.63 7.67
N TYR A 201 11.47 11.11 8.15
CA TYR A 201 10.41 10.63 7.29
C TYR A 201 9.10 10.55 8.08
N THR A 202 7.99 10.90 7.43
CA THR A 202 6.67 10.73 7.99
C THR A 202 6.09 9.42 7.48
N PHE A 203 5.10 8.88 8.21
CA PHE A 203 4.39 7.67 7.84
C PHE A 203 3.00 7.76 8.44
N GLY A 204 2.15 8.61 7.85
CA GLY A 204 0.84 8.87 8.41
C GLY A 204 -0.24 8.87 7.34
N PRO A 205 -1.53 9.01 7.73
CA PRO A 205 -2.62 9.12 6.76
C PRO A 205 -2.68 10.49 6.08
N THR A 206 -3.10 10.50 4.80
CA THR A 206 -3.27 11.73 4.05
C THR A 206 -4.63 11.68 3.33
N PHE A 207 -5.18 12.87 3.06
CA PHE A 207 -6.57 13.01 2.63
C PHE A 207 -6.64 13.92 1.40
N ARG A 208 -7.19 13.38 0.31
CA ARG A 208 -7.45 14.16 -0.89
C ARG A 208 -8.94 14.16 -1.19
N ALA A 209 -9.48 15.32 -1.56
CA ALA A 209 -10.86 15.42 -1.97
C ALA A 209 -11.00 15.05 -3.44
N GLU A 210 -10.62 13.80 -3.75
CA GLU A 210 -10.73 13.24 -5.08
C GLU A 210 -12.20 12.98 -5.38
N ARG A 211 -12.59 13.08 -6.65
CA ARG A 211 -13.99 12.94 -7.03
C ARG A 211 -14.13 11.89 -8.12
N SER A 212 -13.22 10.90 -8.13
CA SER A 212 -13.27 9.81 -9.09
C SER A 212 -13.25 8.47 -8.36
N LYS A 213 -13.60 7.41 -9.09
CA LYS A 213 -13.60 6.05 -8.57
C LYS A 213 -12.62 5.19 -9.37
N THR A 214 -11.53 5.81 -9.83
CA THR A 214 -10.53 5.11 -10.63
C THR A 214 -9.72 4.19 -9.71
N ARG A 215 -8.99 3.25 -10.34
CA ARG A 215 -8.35 2.13 -9.66
C ARG A 215 -7.14 2.59 -8.83
N ARG A 216 -6.92 3.91 -8.72
CA ARG A 216 -5.73 4.37 -8.03
C ARG A 216 -6.03 5.56 -7.12
N HIS A 217 -7.31 5.84 -6.87
CA HIS A 217 -7.71 6.98 -6.05
C HIS A 217 -8.48 6.54 -4.82
N LEU A 218 -8.11 7.09 -3.66
CA LEU A 218 -8.88 7.01 -2.42
C LEU A 218 -8.95 8.42 -1.84
N LEU A 219 -9.89 8.62 -0.90
CA LEU A 219 -10.00 9.88 -0.17
C LEU A 219 -9.05 9.86 1.02
N GLU A 220 -8.76 8.64 1.51
CA GLU A 220 -7.91 8.41 2.67
C GLU A 220 -6.88 7.35 2.31
N PHE A 221 -5.60 7.66 2.53
CA PHE A 221 -4.52 6.73 2.23
C PHE A 221 -3.31 7.06 3.11
N TRP A 222 -2.27 6.22 3.03
CA TRP A 222 -1.07 6.39 3.84
C TRP A 222 0.12 6.76 2.96
N MET A 223 0.87 7.79 3.41
CA MET A 223 1.99 8.29 2.64
C MET A 223 3.26 8.24 3.48
N VAL A 224 4.32 7.68 2.89
CA VAL A 224 5.65 7.70 3.48
C VAL A 224 6.43 8.84 2.83
N GLU A 225 6.88 9.81 3.65
CA GLU A 225 7.39 11.06 3.12
C GLU A 225 8.76 11.38 3.73
N PRO A 226 9.86 10.77 3.22
CA PRO A 226 11.22 11.15 3.61
C PRO A 226 11.62 12.56 3.19
N GLU A 227 12.60 13.12 3.91
CA GLU A 227 13.13 14.45 3.66
C GLU A 227 14.53 14.51 4.26
N VAL A 228 15.51 15.00 3.48
CA VAL A 228 16.92 14.95 3.87
C VAL A 228 17.56 16.31 3.62
N ALA A 229 18.40 16.74 4.57
CA ALA A 229 19.13 17.99 4.44
C ALA A 229 20.41 17.77 3.64
N PHE A 230 20.63 18.63 2.64
CA PHE A 230 21.83 18.67 1.81
C PHE A 230 21.66 17.81 0.57
N MET A 231 20.56 17.05 0.49
CA MET A 231 20.37 16.06 -0.56
C MET A 231 19.90 16.76 -1.85
N THR A 232 20.49 16.36 -2.98
CA THR A 232 20.19 16.95 -4.29
C THR A 232 19.09 16.16 -4.99
N HIS A 233 18.68 16.68 -6.16
CA HIS A 233 17.73 16.03 -7.05
C HIS A 233 18.22 14.63 -7.44
N GLU A 234 19.50 14.52 -7.77
CA GLU A 234 20.07 13.25 -8.22
C GLU A 234 20.04 12.22 -7.08
N GLU A 235 20.41 12.66 -5.87
CA GLU A 235 20.53 11.79 -4.71
C GLU A 235 19.15 11.28 -4.29
N ASN A 236 18.13 12.13 -4.47
CA ASN A 236 16.75 11.81 -4.19
C ASN A 236 16.32 10.57 -4.97
N MET A 237 16.56 10.57 -6.29
CA MET A 237 16.14 9.47 -7.16
C MET A 237 16.85 8.18 -6.78
N ALA A 238 18.12 8.29 -6.41
CA ALA A 238 18.91 7.15 -5.97
C ALA A 238 18.32 6.52 -4.71
N LEU A 239 17.88 7.36 -3.76
CA LEU A 239 17.31 6.92 -2.49
C LEU A 239 15.96 6.22 -2.73
N GLN A 240 15.13 6.82 -3.59
CA GLN A 240 13.84 6.24 -3.96
C GLN A 240 14.03 4.84 -4.53
N GLU A 241 15.05 4.68 -5.38
CA GLU A 241 15.38 3.43 -6.04
C GLU A 241 15.80 2.41 -4.98
N GLU A 242 16.64 2.85 -4.04
CA GLU A 242 17.14 2.00 -2.97
C GLU A 242 15.97 1.46 -2.14
N LEU A 243 14.99 2.34 -1.86
CA LEU A 243 13.84 2.00 -1.02
C LEU A 243 12.96 0.95 -1.70
N VAL A 244 12.48 1.26 -2.92
CA VAL A 244 11.56 0.39 -3.64
C VAL A 244 12.19 -0.99 -3.86
N SER A 245 13.49 -1.02 -4.17
CA SER A 245 14.23 -2.26 -4.37
C SER A 245 14.16 -3.15 -3.13
N PHE A 246 14.40 -2.55 -1.96
CA PHE A 246 14.43 -3.25 -0.69
C PHE A 246 13.04 -3.82 -0.37
N LEU A 247 12.01 -2.98 -0.48
CA LEU A 247 10.64 -3.38 -0.19
C LEU A 247 10.27 -4.63 -1.00
N VAL A 248 10.56 -4.62 -2.31
CA VAL A 248 10.15 -5.69 -3.20
C VAL A 248 10.96 -6.96 -2.90
N ALA A 249 12.26 -6.77 -2.58
CA ALA A 249 13.12 -7.88 -2.23
C ALA A 249 12.62 -8.56 -0.95
N ARG A 250 12.14 -7.74 0.00
CA ARG A 250 11.66 -8.22 1.28
C ARG A 250 10.36 -9.02 1.09
N VAL A 251 9.47 -8.55 0.22
CA VAL A 251 8.22 -9.25 -0.05
C VAL A 251 8.51 -10.60 -0.72
N LEU A 252 9.50 -10.61 -1.63
CA LEU A 252 9.81 -11.79 -2.42
C LEU A 252 10.39 -12.89 -1.54
N GLU A 253 11.14 -12.47 -0.52
CA GLU A 253 11.93 -13.37 0.30
C GLU A 253 11.08 -14.00 1.39
N ARG A 254 10.15 -13.21 1.95
CA ARG A 254 9.47 -13.57 3.19
C ARG A 254 7.99 -13.86 2.98
N ARG A 255 7.42 -13.39 1.86
CA ARG A 255 5.99 -13.49 1.63
C ARG A 255 5.68 -14.24 0.34
N SER A 256 6.52 -15.22 0.00
CA SER A 256 6.36 -15.98 -1.24
C SER A 256 5.09 -16.83 -1.19
N ARG A 257 4.71 -17.27 0.02
CA ARG A 257 3.50 -18.05 0.21
C ARG A 257 2.28 -17.21 -0.15
N GLU A 258 2.30 -15.92 0.24
CA GLU A 258 1.17 -15.02 0.04
C GLU A 258 1.01 -14.68 -1.43
N LEU A 259 2.15 -14.51 -2.12
CA LEU A 259 2.15 -14.21 -3.55
C LEU A 259 1.46 -15.34 -4.31
N GLU A 260 1.84 -16.59 -3.99
CA GLU A 260 1.19 -17.80 -4.49
C GLU A 260 -0.33 -17.72 -4.36
N MET A 261 -0.82 -17.32 -3.18
CA MET A 261 -2.25 -17.28 -2.90
C MET A 261 -2.95 -16.23 -3.76
N LEU A 262 -2.20 -15.22 -4.21
CA LEU A 262 -2.73 -14.13 -5.02
C LEU A 262 -2.56 -14.43 -6.50
N GLY A 263 -1.85 -15.52 -6.81
CA GLY A 263 -1.57 -15.93 -8.18
C GLY A 263 -0.69 -14.92 -8.91
N ARG A 264 0.24 -14.32 -8.16
CA ARG A 264 1.18 -13.34 -8.71
C ARG A 264 2.48 -14.06 -9.08
N ASP A 265 2.96 -13.80 -10.29
CA ASP A 265 4.21 -14.38 -10.77
C ASP A 265 5.39 -13.63 -10.14
N PRO A 266 6.24 -14.32 -9.34
CA PRO A 266 7.41 -13.69 -8.73
C PRO A 266 8.43 -13.13 -9.72
N LYS A 267 8.49 -13.74 -10.91
CA LYS A 267 9.46 -13.38 -11.94
C LYS A 267 9.16 -11.98 -12.47
N ALA A 268 7.95 -11.49 -12.20
CA ALA A 268 7.51 -10.18 -12.66
C ALA A 268 7.82 -9.10 -11.63
N LEU A 269 8.48 -9.48 -10.53
CA LEU A 269 8.78 -8.54 -9.46
C LEU A 269 10.28 -8.53 -9.17
N GLU A 270 10.98 -9.63 -9.51
CA GLU A 270 12.42 -9.75 -9.34
C GLU A 270 13.16 -8.56 -9.95
N PRO A 271 12.86 -8.14 -11.21
CA PRO A 271 13.55 -7.01 -11.82
C PRO A 271 13.52 -5.73 -10.98
N ALA A 272 12.38 -5.49 -10.32
CA ALA A 272 12.18 -4.29 -9.51
C ALA A 272 12.98 -4.36 -8.20
N ALA A 273 13.47 -5.56 -7.88
CA ALA A 273 14.14 -5.80 -6.60
C ALA A 273 15.65 -5.62 -6.72
N GLU A 274 16.12 -5.32 -7.94
CA GLU A 274 17.54 -5.42 -8.25
C GLU A 274 18.10 -4.09 -8.73
N GLY A 275 17.31 -3.02 -8.59
CA GLY A 275 17.74 -1.67 -8.95
C GLY A 275 17.86 -1.48 -10.46
N HIS A 276 18.75 -0.57 -10.86
CA HIS A 276 19.04 -0.26 -12.25
C HIS A 276 17.79 0.22 -12.97
N TYR A 277 17.06 1.15 -12.34
CA TYR A 277 15.79 1.64 -12.84
C TYR A 277 16.05 2.59 -14.00
N PRO A 278 15.36 2.42 -15.15
CA PRO A 278 15.46 3.36 -16.28
C PRO A 278 15.04 4.78 -15.92
N ARG A 279 15.26 5.71 -16.86
CA ARG A 279 15.15 7.12 -16.58
C ARG A 279 14.84 7.90 -17.87
N LEU A 280 13.86 8.81 -17.78
CA LEU A 280 13.43 9.67 -18.88
C LEU A 280 13.36 11.10 -18.38
N THR A 281 13.70 12.06 -19.25
CA THR A 281 13.24 13.43 -19.07
C THR A 281 11.77 13.47 -19.47
N TYR A 282 11.05 14.49 -19.00
CA TYR A 282 9.66 14.71 -19.37
C TYR A 282 9.52 14.72 -20.89
N LYS A 283 10.47 15.40 -21.56
CA LYS A 283 10.45 15.60 -23.00
C LYS A 283 10.54 14.27 -23.74
N GLU A 284 11.51 13.44 -23.32
CA GLU A 284 11.70 12.12 -23.88
C GLU A 284 10.47 11.25 -23.64
N ALA A 285 9.78 11.51 -22.52
CA ALA A 285 8.63 10.72 -22.09
C ALA A 285 7.43 11.03 -22.96
N VAL A 286 7.16 12.33 -23.15
CA VAL A 286 6.09 12.84 -23.98
C VAL A 286 6.25 12.32 -25.42
N ALA A 287 7.51 12.21 -25.85
CA ALA A 287 7.84 11.79 -27.21
C ALA A 287 7.59 10.29 -27.39
N LEU A 288 7.86 9.52 -26.34
CA LEU A 288 7.67 8.07 -26.39
C LEU A 288 6.18 7.74 -26.35
N VAL A 289 5.41 8.56 -25.62
CA VAL A 289 3.96 8.41 -25.56
C VAL A 289 3.37 8.66 -26.95
N ASN A 290 3.85 9.73 -27.61
CA ASN A 290 3.30 10.14 -28.90
C ASN A 290 3.62 9.11 -29.97
N ARG A 291 4.72 8.37 -29.78
CA ARG A 291 5.03 7.22 -30.62
C ARG A 291 3.97 6.14 -30.43
N ILE A 292 3.73 5.76 -29.17
CA ILE A 292 2.82 4.68 -28.81
C ILE A 292 1.40 5.04 -29.29
N ALA A 293 1.03 6.31 -29.13
CA ALA A 293 -0.31 6.80 -29.44
C ALA A 293 -0.59 6.70 -30.94
N GLN A 294 0.48 6.81 -31.74
CA GLN A 294 0.35 6.81 -33.19
C GLN A 294 0.25 5.38 -33.70
N GLU A 295 0.70 4.42 -32.88
CA GLU A 295 0.68 3.01 -33.23
C GLU A 295 -0.57 2.34 -32.63
N ASP A 296 -1.09 2.91 -31.53
CA ASP A 296 -2.28 2.38 -30.88
C ASP A 296 -3.24 3.54 -30.59
N PRO A 297 -4.43 3.57 -31.25
CA PRO A 297 -5.39 4.64 -31.05
C PRO A 297 -6.11 4.64 -29.69
N GLU A 298 -5.87 3.61 -28.87
CA GLU A 298 -6.45 3.58 -27.53
C GLU A 298 -5.61 4.40 -26.56
N VAL A 299 -4.29 4.44 -26.82
CA VAL A 299 -3.39 5.31 -26.09
C VAL A 299 -3.52 6.72 -26.65
N PRO A 300 -3.97 7.71 -25.85
CA PRO A 300 -4.11 9.08 -26.33
C PRO A 300 -2.78 9.81 -26.49
N PRO A 301 -2.63 10.69 -27.51
CA PRO A 301 -1.43 11.53 -27.61
C PRO A 301 -1.31 12.55 -26.48
N LEU A 302 -0.12 13.14 -26.34
CA LEU A 302 0.14 14.09 -25.28
C LEU A 302 0.86 15.30 -25.86
N PRO A 303 0.18 16.48 -25.97
CA PRO A 303 0.86 17.72 -26.35
C PRO A 303 1.84 18.22 -25.29
N TYR A 304 3.05 18.59 -25.72
CA TYR A 304 4.11 19.02 -24.81
C TYR A 304 3.61 20.17 -23.94
N GLY A 305 3.92 20.09 -22.63
CA GLY A 305 3.57 21.14 -21.70
C GLY A 305 2.27 20.86 -20.96
N GLU A 306 1.63 19.74 -21.30
CA GLU A 306 0.40 19.31 -20.66
C GLU A 306 0.71 18.16 -19.71
N ASP A 307 -0.14 18.00 -18.69
CA ASP A 307 0.11 17.07 -17.60
C ASP A 307 -0.31 15.66 -17.99
N PHE A 308 0.53 14.69 -17.60
CA PHE A 308 0.32 13.27 -17.85
C PHE A 308 -1.02 12.81 -17.26
N GLY A 309 -1.67 11.90 -17.99
CA GLY A 309 -2.85 11.20 -17.51
C GLY A 309 -2.52 9.73 -17.28
N ALA A 310 -3.43 9.02 -16.60
CA ALA A 310 -3.22 7.63 -16.21
C ALA A 310 -2.91 6.74 -17.42
N PRO A 311 -3.64 6.86 -18.56
CA PRO A 311 -3.34 6.06 -19.74
C PRO A 311 -1.95 6.35 -20.34
N HIS A 312 -1.50 7.60 -20.22
CA HIS A 312 -0.15 7.99 -20.64
C HIS A 312 0.87 7.24 -19.81
N GLU A 313 0.74 7.33 -18.49
CA GLU A 313 1.62 6.66 -17.55
C GLU A 313 1.55 5.15 -17.75
N ALA A 314 0.33 4.64 -17.97
CA ALA A 314 0.07 3.21 -18.09
C ALA A 314 0.81 2.63 -19.29
N ALA A 315 0.65 3.29 -20.45
CA ALA A 315 1.27 2.84 -21.69
C ALA A 315 2.80 2.90 -21.56
N LEU A 316 3.29 3.94 -20.87
CA LEU A 316 4.72 4.22 -20.75
C LEU A 316 5.40 3.16 -19.90
N SER A 317 4.70 2.69 -18.86
CA SER A 317 5.27 1.79 -17.87
C SER A 317 5.38 0.36 -18.43
N ARG A 318 4.57 0.05 -19.45
CA ARG A 318 4.55 -1.28 -20.05
C ARG A 318 5.78 -1.48 -20.94
N ARG A 319 6.55 -0.41 -21.17
CA ARG A 319 7.71 -0.48 -22.04
C ARG A 319 8.95 -0.93 -21.25
N PHE A 320 8.79 -1.12 -19.93
CA PHE A 320 9.92 -1.42 -19.07
C PHE A 320 9.59 -2.61 -18.15
N ASP A 321 10.65 -3.34 -17.74
CA ASP A 321 10.50 -4.53 -16.91
C ASP A 321 10.55 -4.17 -15.42
N ARG A 322 10.71 -2.87 -15.12
CA ARG A 322 10.80 -2.39 -13.75
C ARG A 322 10.39 -0.91 -13.71
N PRO A 323 10.27 -0.29 -12.51
CA PRO A 323 9.86 1.11 -12.41
C PRO A 323 10.79 2.08 -13.15
N VAL A 324 10.19 3.08 -13.80
CA VAL A 324 10.91 4.06 -14.61
C VAL A 324 10.68 5.45 -14.01
N PHE A 325 11.75 6.26 -13.98
CA PHE A 325 11.68 7.63 -13.51
C PHE A 325 11.33 8.55 -14.67
N VAL A 326 10.56 9.60 -14.36
CA VAL A 326 10.31 10.70 -15.29
C VAL A 326 10.63 11.99 -14.55
N GLU A 327 11.53 12.80 -15.12
CA GLU A 327 12.13 13.92 -14.40
C GLU A 327 12.10 15.21 -15.24
N ARG A 328 12.27 16.35 -14.55
N ARG A 328 12.28 16.34 -14.55
CA ARG A 328 12.40 17.67 -15.14
CA ARG A 328 12.40 17.67 -15.14
C ARG A 328 11.15 18.04 -15.93
C ARG A 328 11.14 18.02 -15.94
N TYR A 329 10.04 18.23 -15.20
CA TYR A 329 8.77 18.64 -15.78
C TYR A 329 8.72 20.17 -15.89
N PRO A 330 7.79 20.74 -16.70
CA PRO A 330 7.56 22.18 -16.72
C PRO A 330 6.99 22.72 -15.41
N ALA A 331 7.55 23.85 -14.95
CA ALA A 331 7.26 24.44 -13.65
C ALA A 331 5.77 24.76 -13.51
N ARG A 332 5.13 25.09 -14.63
CA ARG A 332 3.78 25.64 -14.63
C ARG A 332 2.73 24.58 -14.29
N ILE A 333 3.08 23.30 -14.44
CA ILE A 333 2.13 22.23 -14.12
C ILE A 333 2.57 21.49 -12.86
N LYS A 334 3.52 22.09 -12.11
CA LYS A 334 3.99 21.48 -10.88
C LYS A 334 3.68 22.38 -9.69
N ALA A 335 4.43 22.19 -8.59
CA ALA A 335 4.08 22.77 -7.30
C ALA A 335 4.98 23.98 -6.99
N PHE A 336 4.54 24.76 -6.00
CA PHE A 336 5.13 26.05 -5.69
C PHE A 336 6.51 25.88 -5.04
N TYR A 337 6.75 24.72 -4.41
CA TYR A 337 7.93 24.53 -3.58
C TYR A 337 9.12 24.04 -4.41
N MET A 338 8.86 23.71 -5.69
CA MET A 338 9.83 22.98 -6.50
C MET A 338 10.93 23.91 -7.02
N GLU A 339 12.18 23.45 -6.90
CA GLU A 339 13.37 24.21 -7.26
C GLU A 339 13.51 24.28 -8.78
N PRO A 340 13.75 25.48 -9.35
CA PRO A 340 14.03 25.62 -10.77
C PRO A 340 15.32 24.95 -11.23
N ASP A 341 15.25 24.28 -12.38
CA ASP A 341 16.42 23.76 -13.07
C ASP A 341 17.34 24.94 -13.39
N PRO A 342 18.63 24.90 -12.96
CA PRO A 342 19.54 26.02 -13.17
C PRO A 342 19.87 26.28 -14.64
N GLU A 343 19.62 25.28 -15.49
CA GLU A 343 19.96 25.35 -16.90
C GLU A 343 18.78 25.91 -17.70
N ASP A 344 17.57 25.49 -17.34
CA ASP A 344 16.38 25.84 -18.11
C ASP A 344 15.28 26.37 -17.20
N PRO A 345 14.99 27.69 -17.25
CA PRO A 345 14.00 28.30 -16.37
C PRO A 345 12.56 27.84 -16.58
N GLU A 346 12.34 26.95 -17.55
CA GLU A 346 11.02 26.39 -17.80
C GLU A 346 10.78 25.16 -16.93
N LEU A 347 11.86 24.50 -16.52
CA LEU A 347 11.77 23.19 -15.88
C LEU A 347 12.04 23.32 -14.37
N VAL A 348 11.62 22.30 -13.63
CA VAL A 348 11.89 22.18 -12.20
C VAL A 348 12.62 20.85 -11.97
N LEU A 349 13.34 20.75 -10.84
CA LEU A 349 14.07 19.54 -10.52
C LEU A 349 13.17 18.60 -9.72
N ASN A 350 12.27 17.89 -10.44
CA ASN A 350 11.33 16.98 -9.83
C ASN A 350 11.50 15.58 -10.42
N ASP A 351 10.70 14.63 -9.93
CA ASP A 351 10.62 13.29 -10.50
C ASP A 351 9.33 12.62 -10.04
N ASP A 352 8.78 11.77 -10.91
CA ASP A 352 7.78 10.77 -10.55
C ASP A 352 8.34 9.40 -10.90
N LEU A 353 8.02 8.40 -10.08
CA LEU A 353 8.41 7.03 -10.39
C LEU A 353 7.16 6.23 -10.74
N LEU A 354 7.19 5.59 -11.91
CA LEU A 354 6.05 4.82 -12.41
C LEU A 354 6.31 3.33 -12.18
N ALA A 355 5.32 2.63 -11.62
CA ALA A 355 5.40 1.20 -11.42
C ALA A 355 5.07 0.48 -12.73
N PRO A 356 5.76 -0.64 -13.04
CA PRO A 356 5.52 -1.37 -14.29
C PRO A 356 4.13 -2.00 -14.38
N GLU A 357 3.91 -2.73 -15.49
CA GLU A 357 2.70 -3.50 -15.76
C GLU A 357 1.46 -2.60 -15.74
N GLY A 358 1.65 -1.30 -16.00
CA GLY A 358 0.55 -0.39 -16.23
C GLY A 358 0.09 0.33 -14.97
N TYR A 359 0.85 0.19 -13.88
CA TYR A 359 0.41 0.64 -12.56
C TYR A 359 0.51 2.15 -12.43
N GLY A 360 1.65 2.72 -12.83
CA GLY A 360 1.82 4.17 -12.81
C GLY A 360 2.41 4.68 -11.49
N GLU A 361 2.16 5.96 -11.21
CA GLU A 361 2.83 6.73 -10.17
C GLU A 361 2.70 6.05 -8.80
N ILE A 362 3.85 5.74 -8.20
CA ILE A 362 3.90 5.29 -6.82
C ILE A 362 4.59 6.34 -5.96
N ILE A 363 5.44 7.18 -6.58
CA ILE A 363 6.20 8.21 -5.87
C ILE A 363 6.09 9.53 -6.62
N GLY A 364 6.03 10.63 -5.85
CA GLY A 364 6.24 11.98 -6.35
C GLY A 364 7.19 12.76 -5.43
N GLY A 365 8.24 13.35 -6.01
CA GLY A 365 9.24 14.05 -5.22
C GLY A 365 9.86 15.21 -5.98
N SER A 366 10.79 15.92 -5.31
CA SER A 366 11.55 17.01 -5.89
C SER A 366 12.63 17.51 -4.94
N GLN A 367 13.52 18.36 -5.47
CA GLN A 367 14.37 19.23 -4.68
C GLN A 367 13.55 20.46 -4.33
N ARG A 368 13.94 21.16 -3.25
CA ARG A 368 13.16 22.25 -2.73
C ARG A 368 13.92 23.57 -2.91
N ILE A 369 13.15 24.66 -3.03
CA ILE A 369 13.68 26.02 -3.07
C ILE A 369 14.28 26.36 -1.70
N HIS A 370 15.51 26.88 -1.70
CA HIS A 370 16.21 27.22 -0.47
C HIS A 370 16.47 28.72 -0.39
N ASP A 371 16.22 29.43 -1.50
CA ASP A 371 16.39 30.87 -1.55
C ASP A 371 15.10 31.55 -1.12
N LEU A 372 15.22 32.47 -0.15
CA LEU A 372 14.08 33.12 0.48
C LEU A 372 13.24 33.87 -0.55
N GLU A 373 13.88 34.74 -1.34
CA GLU A 373 13.18 35.68 -2.20
C GLU A 373 12.51 34.95 -3.36
N LEU A 374 13.18 33.92 -3.87
CA LEU A 374 12.68 33.07 -4.94
C LEU A 374 11.41 32.36 -4.48
N LEU A 375 11.37 31.96 -3.20
CA LEU A 375 10.23 31.27 -2.63
C LEU A 375 9.05 32.22 -2.50
N ARG A 376 9.32 33.47 -2.10
CA ARG A 376 8.28 34.46 -1.89
C ARG A 376 7.51 34.71 -3.18
N ARG A 377 8.26 34.83 -4.29
CA ARG A 377 7.69 35.08 -5.61
C ARG A 377 6.79 33.91 -6.01
N LYS A 378 7.30 32.68 -5.80
CA LYS A 378 6.60 31.46 -6.15
C LYS A 378 5.26 31.39 -5.42
N ILE A 379 5.23 31.84 -4.16
CA ILE A 379 4.06 31.79 -3.31
C ILE A 379 2.90 32.53 -3.98
N GLN A 380 3.11 33.82 -4.25
CA GLN A 380 2.04 34.69 -4.73
C GLN A 380 1.87 34.57 -6.24
N GLU A 381 2.87 33.98 -6.92
CA GLU A 381 2.74 33.61 -8.32
C GLU A 381 1.68 32.53 -8.43
N PHE A 382 1.66 31.62 -7.45
CA PHE A 382 0.69 30.53 -7.37
C PHE A 382 -0.59 31.04 -6.69
N GLY A 383 -0.55 32.30 -6.22
CA GLY A 383 -1.70 32.96 -5.64
C GLY A 383 -2.05 32.41 -4.25
N LEU A 384 -1.00 32.15 -3.46
CA LEU A 384 -1.15 31.57 -2.13
C LEU A 384 -0.93 32.65 -1.08
N PRO A 385 -1.75 32.69 -0.01
CA PRO A 385 -1.60 33.69 1.05
C PRO A 385 -0.28 33.57 1.81
N GLU A 386 0.54 34.63 1.74
CA GLU A 386 1.90 34.59 2.25
C GLU A 386 1.91 34.35 3.77
N GLU A 387 0.89 34.87 4.46
CA GLU A 387 0.81 34.85 5.92
C GLU A 387 0.87 33.41 6.43
N VAL A 388 0.13 32.52 5.75
CA VAL A 388 -0.09 31.15 6.19
C VAL A 388 1.22 30.36 6.14
N TYR A 389 2.16 30.80 5.29
CA TYR A 389 3.38 30.05 5.02
C TYR A 389 4.59 30.73 5.66
N ASP A 390 4.35 31.59 6.66
CA ASP A 390 5.40 32.40 7.24
C ASP A 390 6.37 31.55 8.07
N TRP A 391 5.86 30.46 8.67
CA TRP A 391 6.71 29.53 9.40
C TRP A 391 7.55 28.72 8.42
N TYR A 392 7.04 28.51 7.20
CA TYR A 392 7.73 27.81 6.13
C TYR A 392 8.87 28.68 5.61
N LEU A 393 8.66 30.01 5.60
CA LEU A 393 9.65 30.98 5.14
C LEU A 393 10.80 31.07 6.15
N ASP A 394 10.48 30.88 7.44
CA ASP A 394 11.46 30.90 8.51
C ASP A 394 12.58 29.90 8.24
N LEU A 395 12.24 28.79 7.57
CA LEU A 395 13.18 27.73 7.27
C LEU A 395 14.21 28.21 6.26
N ARG A 396 13.88 29.28 5.53
CA ARG A 396 14.77 29.91 4.57
C ARG A 396 15.55 31.05 5.21
N ARG A 397 14.94 31.70 6.23
CA ARG A 397 15.59 32.79 6.95
C ARG A 397 16.71 32.24 7.83
N PHE A 398 16.50 31.06 8.42
CA PHE A 398 17.40 30.56 9.45
C PHE A 398 17.84 29.15 9.12
N GLY A 399 19.15 29.01 8.83
CA GLY A 399 19.79 27.72 8.62
C GLY A 399 19.41 27.06 7.29
N SER A 400 19.02 27.89 6.31
CA SER A 400 18.55 27.42 5.02
C SER A 400 19.65 26.67 4.26
N VAL A 401 19.32 25.44 3.83
CA VAL A 401 20.24 24.60 3.09
C VAL A 401 19.48 23.93 1.94
N PRO A 402 20.18 23.50 0.85
CA PRO A 402 19.55 22.63 -0.13
C PRO A 402 19.06 21.31 0.49
N HIS A 403 17.93 20.80 -0.02
CA HIS A 403 17.29 19.63 0.55
C HIS A 403 16.23 19.11 -0.41
N SER A 404 16.00 17.79 -0.35
CA SER A 404 15.12 17.10 -1.27
C SER A 404 14.32 16.03 -0.52
N GLY A 405 13.20 15.60 -1.10
CA GLY A 405 12.38 14.57 -0.51
C GLY A 405 11.25 14.15 -1.45
N PHE A 406 10.52 13.09 -1.05
CA PHE A 406 9.48 12.48 -1.86
C PHE A 406 8.38 11.96 -0.95
N GLY A 407 7.30 11.44 -1.57
CA GLY A 407 6.22 10.77 -0.88
C GLY A 407 5.76 9.52 -1.63
N LEU A 408 5.79 8.37 -0.95
CA LEU A 408 5.40 7.09 -1.52
C LEU A 408 4.01 6.70 -1.01
N GLY A 409 3.07 6.57 -1.96
CA GLY A 409 1.72 6.07 -1.68
C GLY A 409 1.73 4.58 -1.40
N LEU A 410 1.37 4.20 -0.16
CA LEU A 410 1.49 2.83 0.30
C LEU A 410 0.49 1.93 -0.41
N GLU A 411 -0.77 2.38 -0.52
CA GLU A 411 -1.83 1.59 -1.14
C GLU A 411 -1.43 1.22 -2.57
N ARG A 412 -0.96 2.21 -3.34
CA ARG A 412 -0.59 2.00 -4.73
C ARG A 412 0.55 1.00 -4.82
N THR A 413 1.51 1.09 -3.90
CA THR A 413 2.63 0.16 -3.84
C THR A 413 2.11 -1.25 -3.54
N VAL A 414 1.12 -1.34 -2.63
CA VAL A 414 0.51 -2.60 -2.25
C VAL A 414 -0.25 -3.20 -3.43
N ALA A 415 -1.03 -2.37 -4.12
CA ALA A 415 -1.80 -2.79 -5.29
C ALA A 415 -0.88 -3.42 -6.35
N TRP A 416 0.20 -2.70 -6.68
CA TRP A 416 1.18 -3.16 -7.65
C TRP A 416 1.76 -4.52 -7.24
N ILE A 417 2.39 -4.57 -6.06
CA ILE A 417 3.13 -5.75 -5.61
C ILE A 417 2.22 -6.97 -5.57
N CYS A 418 0.97 -6.78 -5.11
CA CYS A 418 0.03 -7.89 -4.99
C CYS A 418 -0.66 -8.18 -6.32
N GLY A 419 -0.69 -7.17 -7.20
CA GLY A 419 -1.29 -7.31 -8.51
C GLY A 419 -2.82 -7.14 -8.47
N LEU A 420 -3.27 -6.21 -7.63
CA LEU A 420 -4.69 -5.99 -7.40
C LEU A 420 -5.28 -5.12 -8.51
N ALA A 421 -6.61 -5.08 -8.57
CA ALA A 421 -7.34 -4.37 -9.61
C ALA A 421 -7.74 -2.97 -9.14
N HIS A 422 -7.53 -2.68 -7.86
CA HIS A 422 -7.96 -1.42 -7.28
C HIS A 422 -7.25 -1.21 -5.93
N VAL A 423 -7.02 0.05 -5.57
CA VAL A 423 -6.33 0.42 -4.34
C VAL A 423 -7.22 0.19 -3.12
N ARG A 424 -8.54 0.06 -3.35
CA ARG A 424 -9.49 -0.13 -2.26
C ARG A 424 -9.28 -1.49 -1.60
N GLU A 425 -8.71 -2.43 -2.34
CA GLU A 425 -8.47 -3.78 -1.85
C GLU A 425 -7.18 -3.84 -1.02
N ALA A 426 -6.44 -2.73 -0.98
CA ALA A 426 -5.10 -2.70 -0.41
C ALA A 426 -5.10 -2.09 1.00
N ILE A 427 -6.26 -1.66 1.48
CA ILE A 427 -6.38 -1.10 2.82
C ILE A 427 -7.57 -1.77 3.51
N PRO A 428 -7.53 -1.98 4.85
CA PRO A 428 -8.61 -2.65 5.56
C PRO A 428 -10.02 -2.09 5.32
N PHE A 429 -10.20 -0.78 5.52
CA PHE A 429 -11.51 -0.17 5.37
C PHE A 429 -11.41 1.06 4.46
N PRO A 430 -11.47 0.88 3.12
CA PRO A 430 -11.28 1.99 2.18
C PRO A 430 -12.32 3.10 2.30
N ARG A 431 -11.91 4.32 1.89
CA ARG A 431 -12.78 5.47 1.85
C ARG A 431 -12.69 6.11 0.47
N MET A 432 -13.70 5.83 -0.37
CA MET A 432 -13.78 6.37 -1.73
C MET A 432 -14.94 7.36 -1.82
N TYR A 433 -15.09 7.95 -3.02
CA TYR A 433 -16.09 8.95 -3.31
C TYR A 433 -17.48 8.50 -2.85
N THR A 434 -17.86 7.27 -3.22
CA THR A 434 -19.22 6.80 -3.00
C THR A 434 -19.25 5.62 -2.02
N ARG A 435 -18.16 5.44 -1.26
CA ARG A 435 -18.02 4.31 -0.36
C ARG A 435 -17.43 4.79 0.97
N MET A 436 -18.31 5.00 1.96
CA MET A 436 -17.92 5.49 3.27
C MET A 436 -18.23 4.47 4.35
N ARG A 437 -18.67 3.27 3.94
CA ARG A 437 -19.08 2.21 4.86
C ARG A 437 -18.48 0.88 4.40
N PRO A 438 -18.27 -0.10 5.33
CA PRO A 438 -18.43 0.12 6.76
C PRO A 438 -17.28 0.90 7.39
#